data_8T4C
#
_entry.id   8T4C
#
_cell.length_a   49.250
_cell.length_b   43.380
_cell.length_c   71.860
_cell.angle_alpha   90.00
_cell.angle_beta   108.41
_cell.angle_gamma   90.00
#
_symmetry.space_group_name_H-M   'P 1 21 1'
#
loop_
_entity.id
_entity.type
_entity.pdbx_description
1 polymer 'Thioredoxin oxidoreductase'
2 non-polymer 'SULFATE ION'
3 non-polymer GLYCEROL
4 water water
#
_entity_poly.entity_id   1
_entity_poly.type   'polypeptide(L)'
_entity_poly.pdbx_seq_one_letter_code
;GIDPFTSKDTGKVGEKSAEISAKDTLGKAVKLADDNTSLKVLVFFQNGCPSCLKELPSLDEFIQNHPNKISVYAINSIDN
ANVVKVLAEQFDFKNVKVLKDDLKITNDRYAVFATPTTIIIKDGMIKDRILGEKPWEFFESKLISLL
;
_entity_poly.pdbx_strand_id   A,B
#
loop_
_chem_comp.id
_chem_comp.type
_chem_comp.name
_chem_comp.formula
GOL non-polymer GLYCEROL 'C3 H8 O3'
SO4 non-polymer 'SULFATE ION' 'O4 S -2'
#
# COMPACT_ATOMS: atom_id res chain seq x y z
N PRO A 4 18.50 4.75 3.63
CA PRO A 4 19.05 6.11 3.75
C PRO A 4 18.14 7.03 4.57
N PHE A 5 16.87 7.08 4.19
CA PHE A 5 15.88 7.86 4.93
C PHE A 5 15.21 6.96 5.97
N THR A 6 15.03 7.53 7.17
CA THR A 6 14.47 6.80 8.29
C THR A 6 12.95 6.80 8.24
N SER A 7 12.33 5.89 9.00
CA SER A 7 10.89 5.81 9.13
C SER A 7 10.37 6.56 10.36
N LYS A 8 11.24 7.22 11.10
CA LYS A 8 10.85 7.85 12.36
C LYS A 8 10.03 9.10 12.10
N ASP A 9 9.11 9.40 13.03
CA ASP A 9 8.27 10.58 12.93
C ASP A 9 9.12 11.84 12.95
N THR A 10 8.71 12.83 12.17
CA THR A 10 9.49 14.06 12.04
C THR A 10 8.54 15.19 11.67
N GLY A 11 9.09 16.29 11.20
CA GLY A 11 8.24 17.34 10.65
C GLY A 11 8.71 18.75 10.88
N LYS A 12 9.60 18.96 11.84
CA LYS A 12 10.06 20.31 12.14
C LYS A 12 11.28 20.68 11.33
N VAL A 13 11.42 21.97 11.05
CA VAL A 13 12.66 22.44 10.42
C VAL A 13 13.84 22.04 11.31
N GLY A 14 14.89 21.56 10.68
CA GLY A 14 16.07 21.13 11.39
C GLY A 14 16.10 19.69 11.77
N GLU A 15 14.98 18.97 11.58
CA GLU A 15 14.93 17.54 11.83
C GLU A 15 15.27 16.81 10.54
N LYS A 16 15.73 15.56 10.70
CA LYS A 16 15.96 14.72 9.54
C LYS A 16 14.64 14.36 8.87
N SER A 17 14.69 14.17 7.55
CA SER A 17 13.51 13.74 6.82
C SER A 17 13.27 12.26 7.08
N ALA A 18 12.05 11.83 6.80
CA ALA A 18 11.63 10.45 6.96
C ALA A 18 11.25 9.89 5.60
N GLU A 19 11.54 8.61 5.40
CA GLU A 19 11.08 7.96 4.18
C GLU A 19 9.54 8.02 4.12
N ILE A 20 9.02 8.09 2.91
CA ILE A 20 7.57 8.12 2.72
C ILE A 20 7.04 6.70 2.52
N SER A 21 5.71 6.55 2.59
CA SER A 21 5.01 5.29 2.38
C SER A 21 3.81 5.68 1.50
N ALA A 22 4.01 5.59 0.20
CA ALA A 22 3.00 6.09 -0.73
C ALA A 22 3.21 5.37 -2.04
N LYS A 23 2.18 5.39 -2.89
CA LYS A 23 2.20 4.66 -4.14
C LYS A 23 1.75 5.56 -5.29
N ASP A 24 2.25 5.27 -6.48
CA ASP A 24 1.84 5.97 -7.68
C ASP A 24 0.48 5.47 -8.17
N THR A 25 0.03 6.04 -9.30
CA THR A 25 -1.28 5.69 -9.85
C THR A 25 -1.36 4.25 -10.32
N LEU A 26 -0.22 3.57 -10.49
CA LEU A 26 -0.16 2.19 -10.91
C LEU A 26 -0.05 1.24 -9.72
N GLY A 27 -0.15 1.76 -8.51
CA GLY A 27 -0.05 0.92 -7.33
C GLY A 27 1.35 0.55 -6.90
N LYS A 28 2.36 1.22 -7.44
CA LYS A 28 3.75 0.90 -7.14
C LYS A 28 4.29 1.85 -6.08
N ALA A 29 4.99 1.30 -5.11
CA ALA A 29 5.61 2.11 -4.07
C ALA A 29 6.65 3.05 -4.67
N VAL A 30 6.69 4.27 -4.14
CA VAL A 30 7.66 5.29 -4.49
C VAL A 30 8.34 5.70 -3.19
N LYS A 31 9.66 5.75 -3.20
CA LYS A 31 10.46 6.15 -2.05
C LYS A 31 11.35 7.32 -2.43
N LEU A 32 11.67 8.14 -1.43
CA LEU A 32 12.57 9.26 -1.65
C LEU A 32 13.93 8.78 -2.14
N ALA A 33 14.35 7.61 -1.66
CA ALA A 33 15.66 7.07 -2.02
C ALA A 33 15.74 6.63 -3.47
N ASP A 34 14.61 6.49 -4.17
CA ASP A 34 14.66 6.02 -5.55
C ASP A 34 15.40 6.98 -6.47
N ASP A 35 15.39 8.27 -6.13
CA ASP A 35 16.07 9.32 -6.90
C ASP A 35 17.20 9.85 -6.04
N ASN A 36 18.40 9.96 -6.59
CA ASN A 36 19.49 10.46 -5.76
C ASN A 36 19.53 11.99 -5.70
N THR A 37 18.46 12.66 -6.09
CA THR A 37 18.41 14.11 -6.02
C THR A 37 18.58 14.60 -4.59
N SER A 38 19.41 15.64 -4.45
CA SER A 38 19.73 16.23 -3.16
C SER A 38 18.59 17.07 -2.61
N LEU A 39 17.83 17.73 -3.48
CA LEU A 39 16.76 18.64 -3.08
C LEU A 39 15.45 17.93 -3.38
N LYS A 40 14.62 17.78 -2.36
CA LYS A 40 13.35 17.07 -2.49
C LYS A 40 12.25 17.93 -1.88
N VAL A 41 11.08 17.92 -2.50
CA VAL A 41 9.92 18.67 -2.03
C VAL A 41 8.75 17.71 -1.86
N LEU A 42 8.13 17.72 -0.67
CA LEU A 42 6.88 17.02 -0.46
C LEU A 42 5.76 18.05 -0.44
N VAL A 43 4.71 17.82 -1.21
CA VAL A 43 3.54 18.69 -1.19
C VAL A 43 2.35 17.82 -0.80
N PHE A 44 1.86 18.01 0.42
CA PHE A 44 0.66 17.32 0.86
C PHE A 44 -0.55 18.11 0.38
N PHE A 45 -1.39 17.46 -0.43
CA PHE A 45 -2.46 18.13 -1.17
C PHE A 45 -3.70 17.26 -1.19
N GLN A 46 -4.78 17.80 -1.76
CA GLN A 46 -6.00 17.02 -1.94
C GLN A 46 -6.82 17.68 -3.04
N ASN A 47 -7.92 17.01 -3.41
CA ASN A 47 -8.89 17.59 -4.33
C ASN A 47 -9.45 18.86 -3.71
N GLY A 48 -9.25 19.98 -4.40
CA GLY A 48 -9.65 21.29 -3.91
C GLY A 48 -8.59 22.09 -3.19
N CYS A 49 -7.40 21.54 -3.04
CA CYS A 49 -6.29 22.26 -2.43
C CYS A 49 -5.81 23.38 -3.34
N PRO A 50 -5.52 24.56 -2.80
CA PRO A 50 -4.99 25.64 -3.66
C PRO A 50 -3.64 25.33 -4.28
N SER A 51 -2.88 24.35 -3.77
CA SER A 51 -1.60 24.04 -4.39
C SER A 51 -1.76 23.54 -5.82
N CYS A 52 -2.94 23.03 -6.18
CA CYS A 52 -3.18 22.53 -7.53
C CYS A 52 -3.17 23.63 -8.58
N LEU A 53 -3.42 24.88 -8.18
CA LEU A 53 -3.62 25.99 -9.11
C LEU A 53 -2.31 26.51 -9.69
N LYS A 54 -1.28 26.67 -8.89
CA LYS A 54 -0.02 27.25 -9.34
C LYS A 54 1.21 26.55 -8.76
N GLU A 55 1.20 26.23 -7.48
CA GLU A 55 2.38 25.62 -6.87
C GLU A 55 2.80 24.34 -7.58
N LEU A 56 1.88 23.36 -7.71
CA LEU A 56 2.25 22.08 -8.31
C LEU A 56 2.64 22.22 -9.77
N PRO A 57 1.89 22.91 -10.62
CA PRO A 57 2.35 23.07 -12.00
C PRO A 57 3.67 23.84 -12.13
N SER A 58 3.88 24.85 -11.29
CA SER A 58 5.14 25.58 -11.33
C SER A 58 6.30 24.71 -10.87
N LEU A 59 6.07 23.79 -9.92
CA LEU A 59 7.14 22.88 -9.51
C LEU A 59 7.49 21.93 -10.66
N ASP A 60 6.49 21.50 -11.43
CA ASP A 60 6.77 20.62 -12.57
C ASP A 60 7.69 21.32 -13.56
N GLU A 61 7.44 22.61 -13.83
CA GLU A 61 8.27 23.36 -14.76
C GLU A 61 9.65 23.64 -14.16
N PHE A 62 9.71 23.88 -12.85
CA PHE A 62 10.99 24.09 -12.19
C PHE A 62 11.89 22.86 -12.30
N ILE A 63 11.33 21.66 -12.13
CA ILE A 63 12.13 20.46 -12.29
C ILE A 63 12.67 20.36 -13.70
N GLN A 64 11.81 20.65 -14.69
CA GLN A 64 12.22 20.57 -16.09
C GLN A 64 13.46 21.42 -16.34
N ASN A 65 13.56 22.56 -15.68
CA ASN A 65 14.68 23.47 -15.86
C ASN A 65 15.87 23.13 -14.98
N HIS A 66 15.75 22.19 -14.05
CA HIS A 66 16.81 21.81 -13.15
C HIS A 66 16.78 20.32 -12.98
N PRO A 67 16.84 19.58 -14.08
CA PRO A 67 16.81 18.12 -13.98
C PRO A 67 18.08 17.64 -13.30
N ASN A 68 17.92 16.60 -12.49
CA ASN A 68 18.98 15.99 -11.70
C ASN A 68 19.27 16.77 -10.44
N LYS A 69 18.63 17.92 -10.19
CA LYS A 69 18.84 18.64 -8.95
C LYS A 69 17.68 18.48 -7.95
N ILE A 70 16.45 18.23 -8.43
CA ILE A 70 15.27 18.30 -7.58
C ILE A 70 14.25 17.24 -7.99
N SER A 71 13.60 16.64 -6.98
CA SER A 71 12.45 15.74 -7.16
C SER A 71 11.30 16.27 -6.31
N VAL A 72 10.07 16.12 -6.81
CA VAL A 72 8.88 16.61 -6.13
C VAL A 72 7.86 15.48 -6.02
N TYR A 73 7.33 15.31 -4.81
CA TYR A 73 6.41 14.23 -4.45
C TYR A 73 5.13 14.87 -3.95
N ALA A 74 4.07 14.81 -4.75
CA ALA A 74 2.77 15.35 -4.37
C ALA A 74 1.99 14.19 -3.74
N ILE A 75 1.71 14.30 -2.45
CA ILE A 75 1.19 13.19 -1.67
C ILE A 75 -0.23 13.53 -1.23
N ASN A 76 -1.17 12.67 -1.58
CA ASN A 76 -2.58 12.86 -1.28
C ASN A 76 -2.97 11.81 -0.25
N SER A 77 -3.26 12.26 0.97
CA SER A 77 -3.61 11.42 2.10
C SER A 77 -5.11 11.40 2.39
N ILE A 78 -5.91 12.09 1.60
CA ILE A 78 -7.31 12.37 1.89
C ILE A 78 -8.24 11.60 0.96
N ASP A 79 -7.96 11.67 -0.33
CA ASP A 79 -8.89 11.20 -1.35
C ASP A 79 -8.68 9.73 -1.70
N ASN A 80 -9.71 9.11 -2.25
CA ASN A 80 -9.61 7.72 -2.65
C ASN A 80 -8.72 7.54 -3.89
N ALA A 81 -8.35 6.29 -4.16
CA ALA A 81 -7.39 6.04 -5.23
C ALA A 81 -7.93 6.46 -6.58
N ASN A 82 -9.25 6.36 -6.80
CA ASN A 82 -9.78 6.78 -8.09
C ASN A 82 -9.65 8.29 -8.28
N VAL A 83 -9.94 9.06 -7.23
CA VAL A 83 -9.78 10.52 -7.29
C VAL A 83 -8.31 10.90 -7.49
N VAL A 84 -7.39 10.22 -6.82
CA VAL A 84 -5.97 10.51 -7.03
C VAL A 84 -5.59 10.25 -8.49
N LYS A 85 -6.09 9.15 -9.06
CA LYS A 85 -5.81 8.85 -10.45
C LYS A 85 -6.34 9.93 -11.37
N VAL A 86 -7.56 10.42 -11.11
CA VAL A 86 -8.09 11.49 -11.94
C VAL A 86 -7.28 12.76 -11.79
N LEU A 87 -6.88 13.10 -10.55
CA LEU A 87 -6.01 14.26 -10.37
C LEU A 87 -4.72 14.11 -11.19
N ALA A 88 -4.09 12.94 -11.11
CA ALA A 88 -2.86 12.73 -11.86
C ALA A 88 -3.09 12.89 -13.37
N GLU A 89 -4.21 12.35 -13.87
CA GLU A 89 -4.50 12.44 -15.29
C GLU A 89 -4.74 13.89 -15.72
N GLN A 90 -5.43 14.66 -14.89
CA GLN A 90 -5.74 16.04 -15.25
C GLN A 90 -4.49 16.91 -15.13
N PHE A 91 -3.63 16.65 -14.14
CA PHE A 91 -2.37 17.39 -14.06
C PHE A 91 -1.49 17.12 -15.27
N ASP A 92 -1.38 15.84 -15.65
CA ASP A 92 -0.53 15.41 -16.77
C ASP A 92 0.90 15.95 -16.61
N PHE A 93 1.46 15.73 -15.43
CA PHE A 93 2.78 16.27 -15.11
C PHE A 93 3.86 15.47 -15.81
N LYS A 94 4.98 16.12 -16.11
CA LYS A 94 6.12 15.41 -16.68
C LYS A 94 7.06 14.90 -15.61
N ASN A 95 7.13 15.56 -14.46
CA ASN A 95 8.16 15.30 -13.46
C ASN A 95 7.61 15.11 -12.06
N VAL A 96 6.64 15.94 -11.63
CA VAL A 96 6.07 15.79 -10.31
C VAL A 96 5.41 14.42 -10.19
N LYS A 97 5.70 13.73 -9.09
CA LYS A 97 5.15 12.41 -8.83
C LYS A 97 3.86 12.58 -8.04
N VAL A 98 2.75 12.10 -8.58
CA VAL A 98 1.43 12.23 -7.94
C VAL A 98 1.12 10.92 -7.23
N LEU A 99 1.14 10.96 -5.91
CA LEU A 99 1.11 9.73 -5.12
C LEU A 99 -0.05 9.67 -4.16
N LYS A 100 -0.53 8.45 -3.88
CA LYS A 100 -1.51 8.21 -2.84
C LYS A 100 -0.82 7.70 -1.58
N ASP A 101 -1.01 8.40 -0.47
CA ASP A 101 -0.45 7.98 0.80
C ASP A 101 -0.98 6.60 1.15
N ASP A 102 -0.14 5.78 1.77
CA ASP A 102 -0.57 4.49 2.31
C ASP A 102 -1.39 4.79 3.57
N LEU A 103 -2.71 4.85 3.42
CA LEU A 103 -3.63 5.29 4.48
C LEU A 103 -3.18 6.70 4.84
N LYS A 104 -2.78 6.98 6.08
CA LYS A 104 -2.22 8.27 6.45
C LYS A 104 -0.82 8.10 6.99
N ILE A 105 -0.10 7.06 6.56
CA ILE A 105 1.21 6.78 7.15
C ILE A 105 2.18 7.95 6.93
N THR A 106 2.28 8.45 5.70
CA THR A 106 3.22 9.54 5.43
C THR A 106 2.75 10.83 6.07
N ASN A 107 1.44 11.13 5.93
CA ASN A 107 0.84 12.30 6.60
C ASN A 107 1.22 12.32 8.07
N ASP A 108 1.07 11.19 8.75
CA ASP A 108 1.30 11.17 10.20
C ASP A 108 2.79 11.24 10.52
N ARG A 109 3.63 10.58 9.72
CA ARG A 109 5.08 10.66 9.88
C ARG A 109 5.57 12.11 9.83
N TYR A 110 4.92 12.98 9.07
CA TYR A 110 5.32 14.37 8.94
C TYR A 110 4.41 15.31 9.74
N ALA A 111 3.55 14.77 10.59
CA ALA A 111 2.67 15.56 11.45
C ALA A 111 1.82 16.56 10.68
N VAL A 112 1.33 16.17 9.52
CA VAL A 112 0.57 17.05 8.65
C VAL A 112 -0.89 17.07 9.12
N PHE A 113 -1.43 18.26 9.29
CA PHE A 113 -2.81 18.41 9.74
C PHE A 113 -3.69 19.20 8.78
N ALA A 114 -3.12 19.80 7.73
CA ALA A 114 -3.89 20.58 6.79
C ALA A 114 -3.13 20.65 5.48
N THR A 115 -3.86 20.94 4.39
CA THR A 115 -3.24 21.10 3.08
C THR A 115 -3.41 22.53 2.55
N PRO A 116 -2.43 23.05 1.79
CA PRO A 116 -1.17 22.37 1.46
C PRO A 116 -0.19 22.47 2.59
N THR A 117 0.64 21.45 2.79
CA THR A 117 1.84 21.56 3.59
C THR A 117 2.99 21.21 2.67
N THR A 118 3.94 22.11 2.52
CA THR A 118 5.08 21.92 1.62
C THR A 118 6.34 21.76 2.45
N ILE A 119 7.02 20.62 2.31
CA ILE A 119 8.24 20.31 3.06
C ILE A 119 9.39 20.33 2.06
N ILE A 120 10.37 21.18 2.31
CA ILE A 120 11.57 21.26 1.48
C ILE A 120 12.71 20.59 2.22
N ILE A 121 13.33 19.61 1.56
CA ILE A 121 14.37 18.78 2.14
C ILE A 121 15.64 18.94 1.32
N LYS A 122 16.76 19.17 1.99
CA LYS A 122 18.06 19.23 1.34
C LYS A 122 19.01 18.29 2.06
N ASP A 123 19.59 17.34 1.32
CA ASP A 123 20.54 16.36 1.86
C ASP A 123 19.98 15.68 3.09
N GLY A 124 18.69 15.31 3.02
CA GLY A 124 18.04 14.58 4.08
C GLY A 124 17.62 15.39 5.29
N MET A 125 17.74 16.72 5.26
CA MET A 125 17.36 17.59 6.39
C MET A 125 16.18 18.47 5.99
N ILE A 126 15.18 18.62 6.83
CA ILE A 126 14.09 19.54 6.55
C ILE A 126 14.58 20.97 6.69
N LYS A 127 14.49 21.73 5.61
CA LYS A 127 14.93 23.13 5.57
C LYS A 127 13.77 24.10 5.69
N ASP A 128 12.58 23.71 5.23
CA ASP A 128 11.41 24.57 5.30
C ASP A 128 10.18 23.70 5.46
N ARG A 129 9.22 24.19 6.24
CA ARG A 129 7.92 23.56 6.42
C ARG A 129 6.90 24.67 6.23
N ILE A 130 6.27 24.72 5.06
CA ILE A 130 5.45 25.86 4.66
C ILE A 130 3.99 25.43 4.73
N LEU A 131 3.24 26.06 5.62
CA LEU A 131 1.83 25.76 5.81
C LEU A 131 0.99 26.74 5.02
N GLY A 132 0.09 26.22 4.19
CA GLY A 132 -0.83 27.03 3.42
C GLY A 132 -0.26 27.48 2.09
N GLU A 133 -1.15 28.10 1.31
CA GLU A 133 -0.80 28.63 0.01
C GLU A 133 0.17 29.80 0.17
N LYS A 134 1.12 29.89 -0.76
CA LYS A 134 2.00 31.04 -0.86
C LYS A 134 2.18 31.39 -2.33
N PRO A 135 2.57 32.63 -2.64
CA PRO A 135 2.92 32.98 -4.02
C PRO A 135 4.06 32.10 -4.48
N TRP A 136 4.08 31.82 -5.79
CA TRP A 136 5.08 30.91 -6.33
C TRP A 136 6.49 31.41 -6.01
N GLU A 137 6.71 32.71 -6.11
CA GLU A 137 8.05 33.24 -5.90
C GLU A 137 8.61 32.93 -4.51
N PHE A 138 7.72 32.78 -3.52
CA PHE A 138 8.17 32.38 -2.18
C PHE A 138 8.81 30.99 -2.23
N PHE A 139 8.13 30.03 -2.86
CA PHE A 139 8.71 28.69 -2.99
C PHE A 139 9.95 28.71 -3.88
N GLU A 140 9.85 29.39 -5.03
CA GLU A 140 10.96 29.38 -5.98
C GLU A 140 12.23 29.93 -5.35
N SER A 141 12.12 31.04 -4.59
CA SER A 141 13.31 31.60 -3.97
C SER A 141 13.95 30.62 -3.00
N LYS A 142 13.15 29.88 -2.23
CA LYS A 142 13.71 28.90 -1.31
C LYS A 142 14.46 27.81 -2.06
N LEU A 143 13.87 27.34 -3.17
CA LEU A 143 14.48 26.24 -3.91
C LEU A 143 15.78 26.68 -4.60
N ILE A 144 15.82 27.91 -5.17
CA ILE A 144 17.03 28.38 -5.86
C ILE A 144 18.22 28.38 -4.91
N SER A 145 18.01 28.79 -3.66
CA SER A 145 19.11 28.86 -2.71
C SER A 145 19.63 27.48 -2.35
N LEU A 146 18.84 26.43 -2.61
CA LEU A 146 19.21 25.08 -2.23
C LEU A 146 19.62 24.20 -3.40
N LEU A 147 19.63 24.73 -4.63
CA LEU A 147 20.11 23.97 -5.77
C LEU A 147 21.57 23.59 -5.56
N LYS B 8 7.09 -4.36 14.87
CA LYS B 8 5.92 -4.12 15.71
C LYS B 8 4.62 -4.47 15.00
N ASP B 9 4.67 -4.60 13.67
CA ASP B 9 3.47 -4.93 12.91
C ASP B 9 2.99 -6.33 13.26
N THR B 10 1.69 -6.46 13.48
CA THR B 10 1.06 -7.72 13.86
C THR B 10 -0.10 -8.03 12.93
N GLY B 11 -0.11 -7.46 11.74
CA GLY B 11 -1.22 -7.67 10.84
C GLY B 11 -2.48 -6.90 11.14
N LYS B 12 -2.36 -5.76 11.79
CA LYS B 12 -3.55 -4.98 12.11
C LYS B 12 -4.09 -4.27 10.87
N VAL B 13 -5.40 -4.02 10.87
CA VAL B 13 -5.99 -3.15 9.84
C VAL B 13 -5.21 -1.85 9.84
N GLY B 14 -4.82 -1.39 8.64
CA GLY B 14 -4.06 -0.17 8.48
C GLY B 14 -2.58 -0.39 8.45
N GLU B 15 -2.10 -1.59 8.73
CA GLU B 15 -0.69 -1.88 8.63
C GLU B 15 -0.40 -2.46 7.27
N LYS B 16 0.88 -2.44 6.91
CA LYS B 16 1.30 -3.09 5.67
C LYS B 16 1.23 -4.60 5.81
N SER B 17 0.87 -5.26 4.70
CA SER B 17 0.92 -6.70 4.64
C SER B 17 2.36 -7.17 4.79
N ALA B 18 2.51 -8.38 5.31
CA ALA B 18 3.80 -9.02 5.47
C ALA B 18 3.89 -10.23 4.54
N GLU B 19 5.11 -10.52 4.10
CA GLU B 19 5.32 -11.70 3.26
C GLU B 19 5.00 -12.99 4.03
N ILE B 20 4.50 -14.00 3.29
CA ILE B 20 4.14 -15.28 3.86
C ILE B 20 5.29 -16.26 3.74
N SER B 21 5.25 -17.29 4.58
N SER B 21 5.24 -17.32 4.55
CA SER B 21 6.22 -18.39 4.60
CA SER B 21 6.23 -18.39 4.59
C SER B 21 5.39 -19.66 4.44
C SER B 21 5.42 -19.67 4.44
N ALA B 22 5.16 -20.06 3.19
CA ALA B 22 4.27 -21.20 2.93
C ALA B 22 4.60 -21.83 1.60
N LYS B 23 4.18 -23.08 1.44
CA LYS B 23 4.52 -23.87 0.28
C LYS B 23 3.27 -24.53 -0.31
N ASP B 24 3.30 -24.74 -1.63
CA ASP B 24 2.24 -25.47 -2.32
C ASP B 24 2.39 -26.96 -2.05
N THR B 25 1.45 -27.75 -2.57
CA THR B 25 1.54 -29.18 -2.26
C THR B 25 2.72 -29.86 -2.93
N LEU B 26 3.35 -29.24 -3.94
CA LEU B 26 4.57 -29.80 -4.50
C LEU B 26 5.82 -29.30 -3.79
N GLY B 27 5.66 -28.57 -2.68
CA GLY B 27 6.79 -28.12 -1.89
C GLY B 27 7.43 -26.83 -2.33
N LYS B 28 6.82 -26.10 -3.26
CA LYS B 28 7.41 -24.90 -3.79
C LYS B 28 6.91 -23.71 -3.01
N ALA B 29 7.84 -22.84 -2.61
CA ALA B 29 7.47 -21.65 -1.86
C ALA B 29 6.58 -20.76 -2.72
N VAL B 30 5.57 -20.15 -2.09
CA VAL B 30 4.64 -19.20 -2.74
C VAL B 30 4.77 -17.90 -1.96
N LYS B 31 5.04 -16.79 -2.64
CA LYS B 31 5.19 -15.45 -2.01
C LYS B 31 4.10 -14.54 -2.53
N LEU B 32 3.58 -13.63 -1.73
CA LEU B 32 2.58 -12.64 -2.16
C LEU B 32 3.23 -11.80 -3.26
N ALA B 33 4.54 -11.62 -3.19
CA ALA B 33 5.31 -10.81 -4.17
C ALA B 33 5.20 -11.35 -5.59
N ASP B 34 4.82 -12.62 -5.82
CA ASP B 34 4.86 -13.16 -7.16
C ASP B 34 3.65 -12.82 -8.02
N ASP B 35 2.49 -12.52 -7.42
CA ASP B 35 1.31 -12.07 -8.17
C ASP B 35 1.25 -10.56 -8.08
N ASN B 36 1.00 -9.92 -9.22
CA ASN B 36 0.82 -8.47 -9.32
C ASN B 36 -0.53 -8.01 -8.82
N THR B 37 -1.41 -8.91 -8.38
CA THR B 37 -2.79 -8.51 -8.13
C THR B 37 -2.86 -7.52 -6.98
N SER B 38 -3.70 -6.50 -7.17
CA SER B 38 -3.84 -5.44 -6.19
C SER B 38 -4.62 -5.90 -4.97
N LEU B 39 -5.62 -6.76 -5.17
CA LEU B 39 -6.45 -7.26 -4.09
C LEU B 39 -6.05 -8.69 -3.78
N LYS B 40 -5.72 -8.95 -2.52
CA LYS B 40 -5.30 -10.28 -2.11
C LYS B 40 -6.07 -10.62 -0.84
N VAL B 41 -6.46 -11.89 -0.72
CA VAL B 41 -7.13 -12.41 0.45
C VAL B 41 -6.33 -13.58 0.98
N LEU B 42 -6.05 -13.56 2.27
CA LEU B 42 -5.51 -14.72 2.97
C LEU B 42 -6.64 -15.36 3.75
N VAL B 43 -6.78 -16.67 3.67
CA VAL B 43 -7.74 -17.42 4.47
C VAL B 43 -6.97 -18.46 5.24
N PHE B 44 -6.85 -18.28 6.55
CA PHE B 44 -6.24 -19.28 7.43
C PHE B 44 -7.31 -20.28 7.79
N PHE B 45 -7.12 -21.55 7.39
CA PHE B 45 -8.14 -22.57 7.49
C PHE B 45 -7.51 -23.86 7.98
N GLN B 46 -8.35 -24.85 8.23
CA GLN B 46 -7.84 -26.18 8.55
C GLN B 46 -8.88 -27.21 8.12
N ASN B 47 -8.48 -28.49 8.18
CA ASN B 47 -9.42 -29.57 7.95
C ASN B 47 -10.56 -29.46 8.93
N GLY B 48 -11.80 -29.52 8.39
CA GLY B 48 -12.99 -29.40 9.18
C GLY B 48 -13.50 -27.99 9.34
N CYS B 49 -12.76 -27.00 8.83
CA CYS B 49 -13.12 -25.60 9.03
C CYS B 49 -14.36 -25.24 8.23
N PRO B 50 -15.25 -24.42 8.79
CA PRO B 50 -16.42 -24.01 8.01
C PRO B 50 -16.08 -23.22 6.75
N SER B 51 -14.90 -22.59 6.68
CA SER B 51 -14.55 -21.87 5.47
C SER B 51 -14.47 -22.80 4.26
N CYS B 52 -14.23 -24.09 4.50
CA CYS B 52 -14.20 -25.04 3.39
C CYS B 52 -15.51 -25.19 2.65
N LEU B 53 -16.63 -24.92 3.31
CA LEU B 53 -17.93 -25.29 2.80
C LEU B 53 -18.41 -24.31 1.74
N LYS B 54 -18.10 -23.02 1.94
CA LYS B 54 -18.71 -21.99 1.13
C LYS B 54 -17.66 -20.92 0.84
N GLU B 55 -16.97 -20.36 1.86
CA GLU B 55 -16.09 -19.23 1.62
C GLU B 55 -15.04 -19.56 0.56
N LEU B 56 -14.31 -20.66 0.73
CA LEU B 56 -13.24 -20.96 -0.23
C LEU B 56 -13.72 -21.25 -1.65
N PRO B 57 -14.69 -22.13 -1.87
CA PRO B 57 -15.21 -22.31 -3.24
C PRO B 57 -15.83 -21.04 -3.82
N SER B 58 -16.44 -20.22 -2.98
CA SER B 58 -17.00 -18.99 -3.49
C SER B 58 -15.92 -18.03 -3.92
N LEU B 59 -14.83 -17.94 -3.15
CA LEU B 59 -13.67 -17.16 -3.57
C LEU B 59 -13.12 -17.66 -4.91
N ASP B 60 -13.06 -18.98 -5.11
CA ASP B 60 -12.52 -19.51 -6.36
C ASP B 60 -13.34 -19.01 -7.54
N GLU B 61 -14.67 -18.99 -7.39
CA GLU B 61 -15.55 -18.53 -8.45
C GLU B 61 -15.45 -17.03 -8.63
N PHE B 62 -15.30 -16.28 -7.53
CA PHE B 62 -15.13 -14.84 -7.61
C PHE B 62 -13.88 -14.46 -8.38
N ILE B 63 -12.75 -15.12 -8.13
CA ILE B 63 -11.57 -14.89 -8.95
C ILE B 63 -11.87 -15.16 -10.43
N GLN B 64 -12.55 -16.27 -10.72
CA GLN B 64 -12.83 -16.60 -12.11
C GLN B 64 -13.62 -15.50 -12.82
N ASN B 65 -14.50 -14.81 -12.08
CA ASN B 65 -15.30 -13.71 -12.60
C ASN B 65 -14.62 -12.36 -12.57
N HIS B 66 -13.44 -12.27 -11.95
CA HIS B 66 -12.67 -11.02 -11.87
C HIS B 66 -11.21 -11.36 -12.10
N PRO B 67 -10.90 -11.96 -13.24
CA PRO B 67 -9.52 -12.37 -13.50
C PRO B 67 -8.62 -11.16 -13.44
N ASN B 68 -7.45 -11.36 -12.88
CA ASN B 68 -6.38 -10.37 -12.84
C ASN B 68 -6.63 -9.30 -11.78
N LYS B 69 -7.77 -9.31 -11.09
CA LYS B 69 -8.03 -8.30 -10.07
C LYS B 69 -7.79 -8.78 -8.65
N ILE B 70 -7.83 -10.09 -8.40
CA ILE B 70 -7.78 -10.60 -7.04
C ILE B 70 -7.09 -11.96 -7.07
N SER B 71 -6.27 -12.21 -6.05
CA SER B 71 -5.70 -13.54 -5.79
C SER B 71 -5.99 -13.94 -4.36
N VAL B 72 -6.10 -15.26 -4.12
CA VAL B 72 -6.50 -15.78 -2.82
C VAL B 72 -5.54 -16.90 -2.41
N TYR B 73 -5.11 -16.84 -1.16
CA TYR B 73 -4.11 -17.74 -0.57
C TYR B 73 -4.76 -18.39 0.65
N ALA B 74 -5.11 -19.67 0.51
CA ALA B 74 -5.67 -20.45 1.60
C ALA B 74 -4.50 -21.12 2.30
N ILE B 75 -4.25 -20.75 3.55
CA ILE B 75 -3.03 -21.12 4.27
C ILE B 75 -3.45 -22.01 5.43
N ASN B 76 -2.90 -23.22 5.47
CA ASN B 76 -3.17 -24.19 6.53
C ASN B 76 -1.95 -24.31 7.43
N SER B 77 -2.13 -23.87 8.69
CA SER B 77 -1.06 -23.84 9.69
C SER B 77 -1.21 -24.92 10.72
N ILE B 78 -2.16 -25.84 10.55
CA ILE B 78 -2.49 -26.85 11.56
C ILE B 78 -2.18 -28.26 11.09
N ASP B 79 -2.60 -28.61 9.88
CA ASP B 79 -2.59 -30.00 9.45
C ASP B 79 -1.28 -30.39 8.81
N ASN B 80 -1.02 -31.69 8.80
CA ASN B 80 0.20 -32.19 8.16
C ASN B 80 0.09 -32.12 6.63
N ALA B 81 1.23 -32.31 5.98
CA ALA B 81 1.31 -32.18 4.53
C ALA B 81 0.40 -33.17 3.82
N ASN B 82 0.25 -34.39 4.35
CA ASN B 82 -0.62 -35.35 3.67
C ASN B 82 -2.07 -34.87 3.69
N VAL B 83 -2.50 -34.31 4.83
CA VAL B 83 -3.87 -33.83 4.94
C VAL B 83 -4.07 -32.62 4.03
N VAL B 84 -3.11 -31.71 4.00
CA VAL B 84 -3.26 -30.55 3.10
C VAL B 84 -3.40 -31.01 1.65
N LYS B 85 -2.64 -32.03 1.24
CA LYS B 85 -2.73 -32.54 -0.12
C LYS B 85 -4.12 -33.10 -0.41
N VAL B 86 -4.68 -33.88 0.52
CA VAL B 86 -6.03 -34.41 0.31
C VAL B 86 -7.05 -33.29 0.24
N LEU B 87 -6.90 -32.27 1.10
CA LEU B 87 -7.81 -31.12 1.03
C LEU B 87 -7.74 -30.45 -0.34
N ALA B 88 -6.53 -30.27 -0.86
CA ALA B 88 -6.36 -29.65 -2.17
C ALA B 88 -6.99 -30.49 -3.26
N GLU B 89 -6.88 -31.82 -3.15
CA GLU B 89 -7.46 -32.71 -4.16
C GLU B 89 -8.98 -32.66 -4.10
N GLN B 90 -9.55 -32.56 -2.90
CA GLN B 90 -11.00 -32.48 -2.77
C GLN B 90 -11.53 -31.17 -3.34
N PHE B 91 -10.87 -30.05 -3.03
CA PHE B 91 -11.31 -28.76 -3.55
C PHE B 91 -11.12 -28.67 -5.06
N ASP B 92 -9.97 -29.11 -5.56
CA ASP B 92 -9.53 -28.93 -6.95
C ASP B 92 -9.86 -27.55 -7.49
N PHE B 93 -9.36 -26.56 -6.78
CA PHE B 93 -9.61 -25.18 -7.14
C PHE B 93 -8.89 -24.79 -8.43
N LYS B 94 -9.55 -23.92 -9.19
CA LYS B 94 -8.90 -23.37 -10.40
C LYS B 94 -7.93 -22.25 -10.07
N ASN B 95 -8.26 -21.44 -9.03
CA ASN B 95 -7.53 -20.20 -8.77
C ASN B 95 -7.02 -20.07 -7.35
N VAL B 96 -7.81 -20.41 -6.33
CA VAL B 96 -7.36 -20.31 -4.95
C VAL B 96 -6.12 -21.19 -4.78
N LYS B 97 -5.08 -20.63 -4.15
CA LYS B 97 -3.85 -21.35 -3.85
C LYS B 97 -4.00 -22.05 -2.51
N VAL B 98 -3.71 -23.35 -2.46
CA VAL B 98 -3.84 -24.13 -1.24
C VAL B 98 -2.43 -24.38 -0.71
N LEU B 99 -2.10 -23.73 0.41
CA LEU B 99 -0.73 -23.68 0.91
C LEU B 99 -0.62 -24.20 2.33
N LYS B 100 0.56 -24.71 2.63
CA LYS B 100 0.90 -25.18 3.97
C LYS B 100 1.90 -24.24 4.59
N ASP B 101 1.55 -23.70 5.74
CA ASP B 101 2.45 -22.82 6.49
C ASP B 101 3.69 -23.61 6.93
N ASP B 102 4.81 -22.88 7.15
CA ASP B 102 6.05 -23.47 7.71
C ASP B 102 5.85 -23.38 9.19
N LEU B 103 5.41 -24.51 9.80
CA LEU B 103 5.05 -24.53 11.21
C LEU B 103 3.93 -23.50 11.30
N LYS B 104 4.10 -22.43 12.07
CA LYS B 104 3.10 -21.42 12.22
C LYS B 104 3.73 -20.07 11.95
N ILE B 105 4.72 -20.03 11.08
CA ILE B 105 5.40 -18.75 10.87
C ILE B 105 4.44 -17.72 10.32
N THR B 106 3.67 -18.07 9.27
CA THR B 106 2.76 -17.10 8.68
C THR B 106 1.61 -16.80 9.61
N ASN B 107 1.04 -17.84 10.24
CA ASN B 107 0.02 -17.66 11.26
C ASN B 107 0.43 -16.61 12.28
N ASP B 108 1.64 -16.73 12.81
CA ASP B 108 2.08 -15.83 13.87
C ASP B 108 2.41 -14.46 13.33
N ARG B 109 2.94 -14.37 12.10
CA ARG B 109 3.23 -13.06 11.54
C ARG B 109 1.95 -12.24 11.44
N TYR B 110 0.83 -12.90 11.17
CA TYR B 110 -0.48 -12.27 11.04
C TYR B 110 -1.31 -12.36 12.32
N ALA B 111 -0.72 -12.78 13.42
CA ALA B 111 -1.37 -12.81 14.74
C ALA B 111 -2.74 -13.50 14.66
N VAL B 112 -2.74 -14.70 14.08
CA VAL B 112 -3.96 -15.49 13.91
C VAL B 112 -4.15 -16.38 15.14
N PHE B 113 -5.36 -16.35 15.70
CA PHE B 113 -5.66 -17.08 16.91
C PHE B 113 -6.60 -18.25 16.72
N ALA B 114 -7.30 -18.34 15.59
CA ALA B 114 -8.22 -19.43 15.31
C ALA B 114 -8.59 -19.39 13.84
N THR B 115 -9.20 -20.46 13.37
CA THR B 115 -9.70 -20.50 12.02
C THR B 115 -11.22 -20.47 12.00
N PRO B 116 -11.83 -20.00 10.92
CA PRO B 116 -11.14 -19.33 9.81
C PRO B 116 -10.83 -17.87 10.18
N THR B 117 -9.67 -17.38 9.75
CA THR B 117 -9.37 -15.94 9.79
C THR B 117 -9.12 -15.49 8.34
N THR B 118 -9.85 -14.46 7.91
CA THR B 118 -9.79 -13.93 6.55
C THR B 118 -9.21 -12.55 6.63
N ILE B 119 -8.10 -12.34 5.93
CA ILE B 119 -7.40 -11.06 5.87
C ILE B 119 -7.52 -10.53 4.46
N ILE B 120 -8.03 -9.30 4.31
CA ILE B 120 -8.20 -8.66 3.02
C ILE B 120 -7.16 -7.55 2.91
N ILE B 121 -6.39 -7.60 1.82
CA ILE B 121 -5.27 -6.68 1.55
C ILE B 121 -5.54 -5.98 0.23
N LYS B 122 -5.34 -4.66 0.19
CA LYS B 122 -5.46 -3.89 -1.04
C LYS B 122 -4.23 -3.03 -1.17
N ASP B 123 -3.49 -3.21 -2.26
CA ASP B 123 -2.32 -2.38 -2.52
C ASP B 123 -1.38 -2.38 -1.32
N GLY B 124 -1.15 -3.59 -0.78
CA GLY B 124 -0.17 -3.81 0.26
C GLY B 124 -0.60 -3.42 1.65
N MET B 125 -1.84 -3.01 1.83
CA MET B 125 -2.32 -2.54 3.12
C MET B 125 -3.44 -3.46 3.59
N ILE B 126 -3.45 -3.78 4.87
CA ILE B 126 -4.51 -4.63 5.43
C ILE B 126 -5.76 -3.78 5.61
N LYS B 127 -6.83 -4.18 4.95
CA LYS B 127 -8.10 -3.47 5.00
C LYS B 127 -9.11 -4.09 5.95
N ASP B 128 -9.09 -5.41 6.11
CA ASP B 128 -10.07 -6.06 6.97
C ASP B 128 -9.41 -7.30 7.55
N ARG B 129 -9.83 -7.68 8.75
CA ARG B 129 -9.46 -8.95 9.42
C ARG B 129 -10.79 -9.49 9.95
N ILE B 130 -11.22 -10.69 9.59
CA ILE B 130 -12.50 -11.26 9.95
C ILE B 130 -12.25 -12.64 10.56
N LEU B 131 -12.59 -12.81 11.82
CA LEU B 131 -12.46 -14.10 12.48
C LEU B 131 -13.85 -14.74 12.47
N GLY B 132 -13.92 -15.97 11.98
CA GLY B 132 -15.11 -16.79 12.04
C GLY B 132 -15.80 -16.90 10.70
N GLU B 133 -16.70 -17.87 10.65
CA GLU B 133 -17.56 -18.08 9.51
C GLU B 133 -18.51 -16.90 9.37
N LYS B 134 -18.70 -16.46 8.14
CA LYS B 134 -19.63 -15.39 7.83
C LYS B 134 -20.37 -15.73 6.56
N PRO B 135 -21.54 -15.14 6.33
CA PRO B 135 -22.23 -15.33 5.05
C PRO B 135 -21.35 -14.85 3.92
N TRP B 136 -21.39 -15.55 2.78
CA TRP B 136 -20.51 -15.21 1.68
C TRP B 136 -20.65 -13.73 1.27
N GLU B 137 -21.88 -13.21 1.23
CA GLU B 137 -22.09 -11.84 0.78
C GLU B 137 -21.48 -10.82 1.73
N PHE B 138 -21.22 -11.17 2.97
CA PHE B 138 -20.46 -10.27 3.84
C PHE B 138 -19.04 -10.08 3.30
N PHE B 139 -18.39 -11.18 2.89
CA PHE B 139 -17.07 -11.05 2.29
C PHE B 139 -17.17 -10.42 0.90
N GLU B 140 -18.12 -10.89 0.10
CA GLU B 140 -18.16 -10.44 -1.29
C GLU B 140 -18.41 -8.95 -1.38
N SER B 141 -19.27 -8.41 -0.52
CA SER B 141 -19.52 -6.97 -0.52
C SER B 141 -18.25 -6.18 -0.31
N LYS B 142 -17.39 -6.63 0.62
CA LYS B 142 -16.12 -5.95 0.85
C LYS B 142 -15.22 -6.05 -0.36
N LEU B 143 -15.15 -7.23 -0.94
CA LEU B 143 -14.26 -7.40 -2.08
C LEU B 143 -14.72 -6.58 -3.28
N ILE B 144 -16.03 -6.56 -3.56
CA ILE B 144 -16.51 -5.76 -4.68
C ILE B 144 -16.10 -4.30 -4.52
N SER B 145 -16.22 -3.76 -3.31
CA SER B 145 -15.85 -2.37 -3.05
C SER B 145 -14.36 -2.11 -3.25
N LEU B 146 -13.53 -3.13 -3.23
CA LEU B 146 -12.08 -3.00 -3.36
C LEU B 146 -11.53 -3.48 -4.72
N LEU B 147 -12.38 -3.79 -5.68
CA LEU B 147 -11.85 -4.30 -6.94
C LEU B 147 -11.08 -3.25 -7.73
S SO4 C . -24.43 -18.11 3.23
O1 SO4 C . -24.76 -16.74 2.98
O2 SO4 C . -23.08 -18.34 2.86
O3 SO4 C . -25.28 -18.95 2.45
O4 SO4 C . -24.59 -18.41 4.61
C1 GOL D . -4.63 -20.36 15.01
O1 GOL D . -5.51 -21.18 14.25
C2 GOL D . -3.55 -21.19 15.65
O2 GOL D . -2.63 -21.62 14.65
C3 GOL D . -2.84 -20.47 16.78
O3 GOL D . -1.44 -20.67 16.75
H31 GOL D . -3.21 -20.80 17.64
H32 GOL D . -3.03 -19.51 16.71
HO3 GOL D . -1.05 -19.93 16.87
#